data_8U0J
#
_entry.id   8U0J
#
_cell.length_a   1.00
_cell.length_b   1.00
_cell.length_c   1.00
_cell.angle_alpha   90.00
_cell.angle_beta   90.00
_cell.angle_gamma   90.00
#
_symmetry.space_group_name_H-M   'P 1'
#
loop_
_entity.id
_entity.type
_entity.pdbx_description
1 polymer DdmE
2 polymer "DNA (5'-D(P*GP*TP*TP*AP*GP*AP*CP*TP*TP*TP*AP*AP*GP*T)-3')"
3 polymer "DNA (5'-D(P*AP*CP*TP*TP*AP*AP*AP*GP*TP*CP*TP*AP*AP*CP*CP*TP*AP*TP*AP*GP*GP*AP*T)-3')"
4 polymer "DNA (5'-D(P*AP*TP*CP*CP*TP*AP*TP*AP*GP*GP*A)-3')"
5 non-polymer 'MAGNESIUM ION'
#
loop_
_entity_poly.entity_id
_entity_poly.type
_entity_poly.pdbx_seq_one_letter_code
_entity_poly.pdbx_strand_id
1 'polypeptide(L)'
;QGPLSTLIEQISIDTDWVDRSFAIYCVSYKGIDFSERPKRLVTLASETYKSGSVYCLVKGANKEACYWVLLPKDSKLDLK
DTSLAIKPSSAAELPTWQLARLLIKAIPKVLSGTMPEIKRFESEGLYYLVKSKKLPKDHSGYELTTVEIDLAPCAALGFK
QTLSMGTKTFSPLSWFTLENGEVQKKARFATRYQLDDVGKLVSKSIKGDYIKKPLYSNAKNRIQAIDITKESYSGFQLSK
VGILEQFMQDLKQAYGDSVSVKLQRIPGEKHRFVSDTIVKNHYVGLFDALKEHRLVICDLTENQDTDAALTLLHGIEHLD
INAEIAEVPIRGALNILIVGNKDTYKSDEEDPYQVYRKKYQDTVFQSCYPERLWNRQGQPNRHVVEVLLKELLIKLEVHT
RKHLIEYPSGPERCVYYMPQRPKDESSEVRDEPWPVYASKLVGDEWQYTQATQEELEDIELDLGNDKRHVFHGFERSPVI
YWPETGDYAIFIDTGIQMLPEFEAVAERLRELKEGRSQDVPIALLAQFIEENPESKVINKLRAILSEWDDVAPLPFDEFS
TIAYKSSDEKQFYDWLREQGFFLKTSIRGQSEGFFNASLGFFYNREQGMYFAGGKGSPQSKIETFSHLYLIKHSFDALPE
EVENLFDVYHLRHRLPTVTPYPFKHLREYVEMQRFRS
;
A
2 'polydeoxyribonucleotide' (DG)(DT)(DT)(DA)(DG)(DA)(DC)(DT)(DT)(DT)(DA)(DA)(DG)(DT) B
3 'polydeoxyribonucleotide'
;(DA)(DC)(DT)(DT)(DA)(DA)(DA)(DG)(DT)(DC)(DT)(DA)(DA)(DC)(DC)(DT)(DA)(DT)(DA)(DG)
(DG)(DA)(DT)
;
D
4 'polydeoxyribonucleotide' (DA)(DT)(DC)(DC)(DT)(DA)(DT)(DA)(DG)(DG)(DA) F
#
# COMPACT_ATOMS: atom_id res chain seq x y z
N GLN A 1 6.07 24.57 -0.82
CA GLN A 1 4.76 24.48 -1.46
C GLN A 1 3.91 23.41 -0.78
N GLY A 2 4.48 22.23 -0.61
CA GLY A 2 3.78 21.10 -0.05
C GLY A 2 4.38 19.79 -0.52
N PRO A 3 3.66 18.70 -0.34
CA PRO A 3 4.21 17.38 -0.69
C PRO A 3 4.38 17.19 -2.18
N LEU A 4 5.23 16.25 -2.55
CA LEU A 4 5.53 15.95 -3.95
C LEU A 4 4.55 14.93 -4.50
N SER A 5 4.25 15.07 -5.79
CA SER A 5 3.28 14.23 -6.46
C SER A 5 3.71 14.00 -7.90
N THR A 6 3.24 12.90 -8.49
CA THR A 6 3.69 12.55 -9.84
C THR A 6 3.12 13.44 -10.93
N LEU A 7 2.23 14.36 -10.61
CA LEU A 7 1.68 15.24 -11.64
C LEU A 7 2.78 16.17 -12.17
N ILE A 8 2.76 16.42 -13.46
CA ILE A 8 3.89 17.00 -14.19
C ILE A 8 3.62 18.46 -14.48
N GLU A 9 4.61 19.32 -14.22
CA GLU A 9 4.50 20.73 -14.60
C GLU A 9 5.02 20.97 -16.01
N GLN A 10 6.23 20.53 -16.30
CA GLN A 10 6.85 20.82 -17.59
C GLN A 10 7.38 19.52 -18.18
N ILE A 11 7.21 19.38 -19.50
CA ILE A 11 7.79 18.25 -20.21
C ILE A 11 9.10 18.69 -20.85
N ARG A 120 17.94 -0.16 -19.91
CA ARG A 120 17.38 0.67 -20.97
C ARG A 120 17.14 -0.18 -22.23
N PHE A 121 15.89 -0.54 -22.48
CA PHE A 121 15.53 -1.43 -23.57
C PHE A 121 15.16 -0.70 -24.85
N GLU A 122 15.18 0.64 -24.85
CA GLU A 122 14.99 1.49 -26.03
C GLU A 122 13.67 1.25 -26.76
N SER A 123 12.54 1.53 -26.10
CA SER A 123 11.24 1.38 -26.73
C SER A 123 10.19 2.23 -26.03
N GLU A 124 8.92 2.06 -26.40
CA GLU A 124 7.83 2.71 -25.68
C GLU A 124 7.78 2.21 -24.24
N GLY A 125 8.15 3.07 -23.30
CA GLY A 125 8.38 2.65 -21.94
C GLY A 125 9.85 2.42 -21.71
N LEU A 126 10.39 3.04 -20.67
CA LEU A 126 11.83 2.98 -20.38
C LEU A 126 12.03 1.94 -19.29
N TYR A 127 12.51 0.78 -19.69
CA TYR A 127 12.73 -0.34 -18.78
C TYR A 127 14.10 -0.23 -18.12
N TYR A 128 14.16 -0.38 -16.81
CA TYR A 128 15.42 -0.40 -16.08
C TYR A 128 15.56 -1.74 -15.38
N LEU A 129 16.47 -2.58 -15.87
CA LEU A 129 16.64 -3.92 -15.34
C LEU A 129 17.01 -3.84 -13.87
N VAL A 130 16.17 -4.40 -13.02
CA VAL A 130 16.44 -4.35 -11.59
C VAL A 130 16.92 -5.70 -11.09
N LYS A 131 16.23 -6.78 -11.44
CA LYS A 131 16.51 -8.06 -10.82
C LYS A 131 16.62 -9.13 -11.88
N SER A 132 17.55 -10.07 -11.68
CA SER A 132 17.70 -11.20 -12.58
C SER A 132 17.75 -12.47 -11.77
N LYS A 133 17.05 -13.50 -12.25
CA LYS A 133 16.97 -14.77 -11.55
C LYS A 133 17.32 -15.88 -12.52
N LYS A 134 18.00 -16.92 -12.02
CA LYS A 134 18.37 -18.04 -12.87
C LYS A 134 17.25 -19.07 -12.91
N LEU A 135 17.07 -19.68 -14.07
CA LEU A 135 16.00 -20.65 -14.26
C LEU A 135 16.36 -21.98 -13.62
N PRO A 136 15.37 -22.84 -13.38
CA PRO A 136 15.66 -24.20 -12.91
C PRO A 136 16.40 -25.02 -13.95
N LYS A 137 16.65 -26.28 -13.60
CA LYS A 137 17.41 -27.17 -14.47
C LYS A 137 16.67 -27.42 -15.78
N ASP A 138 17.43 -27.91 -16.77
CA ASP A 138 16.98 -28.18 -18.13
C ASP A 138 16.45 -26.92 -18.82
N HIS A 139 16.96 -25.74 -18.45
CA HIS A 139 16.54 -24.49 -19.07
C HIS A 139 17.72 -23.53 -19.13
N SER A 140 17.63 -22.57 -20.04
CA SER A 140 18.68 -21.58 -20.22
C SER A 140 18.05 -20.19 -20.30
N GLY A 141 18.82 -19.19 -19.86
CA GLY A 141 18.33 -17.83 -19.81
C GLY A 141 17.97 -17.40 -18.40
N TYR A 142 17.77 -16.08 -18.25
CA TYR A 142 17.47 -15.48 -16.97
C TYR A 142 16.10 -14.80 -17.00
N GLU A 143 15.34 -14.96 -15.92
CA GLU A 143 14.14 -14.18 -15.71
C GLU A 143 14.49 -12.76 -15.28
N LEU A 144 13.85 -11.77 -15.88
CA LEU A 144 14.09 -10.36 -15.58
C LEU A 144 12.91 -9.75 -14.86
N THR A 145 13.19 -8.97 -13.83
CA THR A 145 12.21 -8.10 -13.22
C THR A 145 12.69 -6.67 -13.41
N THR A 146 11.82 -5.82 -13.95
CA THR A 146 12.22 -4.54 -14.49
C THR A 146 11.25 -3.47 -14.00
N VAL A 147 11.73 -2.22 -13.94
CA VAL A 147 10.92 -1.07 -13.57
C VAL A 147 10.80 -0.14 -14.77
N GLU A 148 9.59 0.31 -15.03
CA GLU A 148 9.25 1.16 -16.17
C GLU A 148 8.99 2.58 -15.70
N ILE A 149 9.60 3.54 -16.38
CA ILE A 149 9.33 4.96 -16.17
C ILE A 149 8.66 5.46 -17.43
N ASP A 150 7.45 6.01 -17.29
CA ASP A 150 6.73 6.46 -18.47
C ASP A 150 5.89 7.68 -18.14
N LEU A 151 5.57 8.45 -19.18
CA LEU A 151 4.76 9.66 -19.07
C LEU A 151 3.40 9.38 -19.71
N ALA A 152 2.33 9.60 -18.93
CA ALA A 152 1.00 9.11 -19.29
C ALA A 152 -0.01 10.23 -19.11
N PRO A 153 -1.17 10.15 -19.75
CA PRO A 153 -2.23 11.13 -19.49
C PRO A 153 -2.89 10.89 -18.13
N CYS A 154 -3.52 11.96 -17.63
CA CYS A 154 -4.32 11.85 -16.40
C CYS A 154 -5.80 11.79 -16.73
N ALA A 155 -6.51 10.87 -16.08
CA ALA A 155 -7.96 10.82 -16.24
C ALA A 155 -8.68 11.76 -15.28
N ALA A 156 -8.09 12.03 -14.12
CA ALA A 156 -8.80 12.77 -13.08
C ALA A 156 -8.48 14.25 -13.07
N LEU A 157 -7.32 14.66 -13.58
CA LEU A 157 -6.93 16.08 -13.58
C LEU A 157 -6.66 16.53 -15.01
N GLY A 158 -7.73 16.97 -15.70
CA GLY A 158 -7.67 17.76 -16.92
C GLY A 158 -6.66 17.41 -17.99
N PHE A 159 -6.36 16.11 -18.14
CA PHE A 159 -5.38 15.61 -19.09
C PHE A 159 -3.99 16.19 -18.90
N LYS A 160 -3.66 16.61 -17.67
CA LYS A 160 -2.31 17.06 -17.36
C LYS A 160 -1.44 15.84 -17.07
N GLN A 161 -0.23 15.83 -17.63
CA GLN A 161 0.55 14.60 -17.71
C GLN A 161 0.95 14.10 -16.32
N THR A 162 1.29 12.82 -16.25
CA THR A 162 1.62 12.15 -15.00
C THR A 162 2.78 11.18 -15.22
N LEU A 163 3.49 10.91 -14.13
CA LEU A 163 4.59 9.96 -14.13
C LEU A 163 4.10 8.58 -13.70
N SER A 164 4.69 7.53 -14.27
CA SER A 164 4.26 6.18 -14.00
C SER A 164 5.46 5.27 -13.82
N MET A 165 5.52 4.61 -12.66
CA MET A 165 6.55 3.63 -12.34
C MET A 165 5.89 2.27 -12.21
N GLY A 166 6.36 1.32 -13.00
CA GLY A 166 5.70 0.02 -12.99
C GLY A 166 6.55 -1.19 -13.28
N THR A 167 6.36 -2.28 -12.54
CA THR A 167 7.15 -3.49 -12.76
C THR A 167 6.72 -4.17 -14.05
N LYS A 168 7.70 -4.54 -14.88
CA LYS A 168 7.41 -5.23 -16.13
C LYS A 168 8.38 -6.40 -16.30
N THR A 169 7.96 -7.57 -15.83
CA THR A 169 8.75 -8.79 -15.91
C THR A 169 9.01 -9.19 -17.35
N PHE A 170 10.24 -9.65 -17.62
CA PHE A 170 10.59 -10.27 -18.90
C PHE A 170 11.12 -11.66 -18.63
N SER A 171 10.64 -12.64 -19.39
CA SER A 171 11.06 -14.02 -19.22
C SER A 171 11.61 -14.56 -20.53
N PRO A 172 12.43 -15.62 -20.47
CA PRO A 172 12.77 -16.35 -21.69
C PRO A 172 11.67 -17.30 -22.14
N LEU A 173 11.45 -17.33 -23.45
CA LEU A 173 10.48 -18.24 -24.03
C LEU A 173 11.02 -19.65 -24.19
N SER A 174 12.31 -19.86 -23.98
CA SER A 174 12.85 -21.21 -23.92
C SER A 174 12.30 -21.96 -22.70
N TRP A 175 11.81 -21.21 -21.70
CA TRP A 175 11.04 -21.82 -20.62
C TRP A 175 9.75 -22.44 -21.13
N PHE A 176 9.13 -21.83 -22.14
CA PHE A 176 7.87 -22.30 -22.68
C PHE A 176 8.05 -23.35 -23.76
N THR A 177 9.28 -23.63 -24.18
CA THR A 177 9.54 -24.57 -25.27
C THR A 177 9.22 -26.00 -24.80
N LEU A 178 8.50 -26.73 -25.63
CA LEU A 178 8.08 -28.08 -25.31
C LEU A 178 9.25 -29.07 -25.42
N GLU A 179 8.98 -30.33 -25.07
CA GLU A 179 10.02 -31.35 -25.08
C GLU A 179 10.45 -31.68 -26.51
N ASN A 180 9.57 -31.50 -27.49
CA ASN A 180 9.90 -31.77 -28.88
C ASN A 180 10.51 -30.57 -29.59
N GLY A 181 10.76 -29.48 -28.87
CA GLY A 181 11.29 -28.28 -29.48
C GLY A 181 10.26 -27.26 -29.90
N GLU A 182 8.98 -27.59 -29.84
CA GLU A 182 7.95 -26.62 -30.19
C GLU A 182 7.73 -25.64 -29.04
N VAL A 183 7.16 -24.50 -29.36
CA VAL A 183 6.96 -23.40 -28.43
C VAL A 183 5.47 -23.15 -28.27
N GLN A 184 5.03 -22.94 -27.03
CA GLN A 184 3.61 -22.82 -26.72
C GLN A 184 2.99 -21.60 -27.39
N LYS A 185 1.67 -21.67 -27.58
CA LYS A 185 0.97 -20.69 -28.42
C LYS A 185 0.70 -19.40 -27.67
N LYS A 186 0.98 -19.37 -26.36
CA LYS A 186 0.69 -18.20 -25.54
C LYS A 186 1.53 -17.00 -25.95
N ALA A 187 0.92 -16.07 -26.70
CA ALA A 187 1.57 -14.84 -27.17
C ALA A 187 2.88 -15.14 -27.91
N ARG A 188 2.76 -15.84 -29.03
CA ARG A 188 3.95 -16.28 -29.75
C ARG A 188 4.34 -15.31 -30.86
N PHE A 189 4.10 -14.01 -30.64
CA PHE A 189 4.47 -13.00 -31.62
C PHE A 189 4.46 -11.62 -30.96
N ALA A 190 5.08 -10.67 -31.66
CA ALA A 190 4.97 -9.23 -31.45
C ALA A 190 5.67 -8.69 -30.20
N THR A 191 6.22 -9.56 -29.36
CA THR A 191 6.89 -9.13 -28.16
C THR A 191 8.31 -9.67 -28.14
N ARG A 192 9.27 -8.81 -28.48
CA ARG A 192 10.66 -9.23 -28.58
C ARG A 192 11.54 -8.20 -27.87
N TYR A 193 12.06 -8.57 -26.71
CA TYR A 193 13.00 -7.71 -25.99
C TYR A 193 13.92 -8.61 -25.18
N GLN A 194 15.22 -8.31 -25.20
CA GLN A 194 16.22 -9.12 -24.49
C GLN A 194 17.26 -8.18 -23.87
N LEU A 195 18.15 -8.75 -23.07
CA LEU A 195 19.16 -7.95 -22.40
C LEU A 195 20.55 -8.30 -22.90
N ASP A 196 21.47 -7.33 -22.85
CA ASP A 196 22.82 -7.62 -23.31
C ASP A 196 23.78 -8.00 -22.20
N ASP A 197 24.18 -7.05 -21.36
CA ASP A 197 25.11 -7.41 -20.29
C ASP A 197 24.98 -6.66 -18.97
N VAL A 198 24.39 -5.46 -18.95
CA VAL A 198 24.58 -4.54 -17.84
C VAL A 198 23.30 -3.94 -17.29
N GLY A 199 22.15 -4.19 -17.89
CA GLY A 199 20.91 -3.59 -17.44
C GLY A 199 20.53 -2.33 -18.19
N LYS A 200 21.50 -1.71 -18.86
CA LYS A 200 21.28 -0.66 -19.84
C LYS A 200 21.90 -1.07 -21.16
N LEU A 201 21.56 -0.35 -22.22
CA LEU A 201 22.14 -0.54 -23.55
C LEU A 201 22.00 -1.99 -24.02
N VAL A 202 20.75 -2.42 -24.17
CA VAL A 202 20.44 -3.79 -24.56
C VAL A 202 19.77 -3.76 -25.94
N SER A 203 19.45 -4.96 -26.44
CA SER A 203 18.90 -5.11 -27.78
C SER A 203 17.74 -6.11 -27.79
N LYS A 204 17.31 -6.50 -28.98
CA LYS A 204 16.26 -7.51 -29.09
C LYS A 204 16.48 -8.30 -30.38
N SER A 205 15.48 -9.08 -30.78
CA SER A 205 15.54 -9.81 -32.04
C SER A 205 14.12 -10.13 -32.48
N ILE A 206 13.77 -9.77 -33.72
CA ILE A 206 12.37 -9.80 -34.15
C ILE A 206 11.80 -11.21 -34.12
N LYS A 207 12.66 -12.23 -34.12
CA LYS A 207 12.27 -13.61 -33.88
C LYS A 207 12.89 -14.17 -32.60
N GLY A 208 12.90 -13.36 -31.54
CA GLY A 208 13.58 -13.77 -30.31
C GLY A 208 12.62 -14.48 -29.35
N ASP A 209 13.15 -15.46 -28.64
CA ASP A 209 12.35 -16.22 -27.69
C ASP A 209 12.58 -15.71 -26.27
N TYR A 210 12.24 -14.44 -26.01
CA TYR A 210 12.49 -13.83 -24.72
C TYR A 210 11.43 -12.74 -24.54
N ILE A 211 10.35 -13.06 -23.83
CA ILE A 211 9.08 -12.33 -23.95
C ILE A 211 8.77 -11.56 -22.67
N LYS A 212 7.66 -10.82 -22.73
CA LYS A 212 7.23 -9.92 -21.67
C LYS A 212 6.30 -10.64 -20.69
N LYS A 213 6.06 -11.91 -20.93
CA LYS A 213 5.19 -12.65 -20.04
C LYS A 213 6.01 -13.19 -18.88
N PRO A 214 5.38 -13.46 -17.75
CA PRO A 214 6.11 -14.08 -16.63
C PRO A 214 6.32 -15.57 -16.85
N LEU A 215 6.95 -16.19 -15.86
CA LEU A 215 7.21 -17.63 -15.90
C LEU A 215 5.94 -18.46 -15.87
N TYR A 216 4.87 -17.95 -15.27
CA TYR A 216 3.62 -18.70 -15.17
C TYR A 216 2.49 -17.86 -15.75
N SER A 217 1.27 -18.37 -15.58
CA SER A 217 0.08 -17.79 -16.19
C SER A 217 -0.09 -16.32 -15.84
N ASN A 218 -0.25 -16.01 -14.55
CA ASN A 218 -0.45 -14.63 -14.14
C ASN A 218 0.35 -14.31 -12.89
N ALA A 219 1.62 -14.70 -12.87
CA ALA A 219 2.52 -14.39 -11.77
C ALA A 219 2.94 -12.93 -11.87
N LYS A 220 2.92 -12.22 -10.75
CA LYS A 220 3.21 -10.79 -10.70
C LYS A 220 4.45 -10.54 -9.86
N ASN A 221 5.59 -10.43 -10.51
CA ASN A 221 6.79 -9.98 -9.82
C ASN A 221 6.64 -8.51 -9.43
N ARG A 222 7.18 -8.16 -8.27
CA ARG A 222 6.96 -6.85 -7.67
C ARG A 222 8.27 -6.29 -7.17
N ILE A 223 8.42 -4.96 -7.22
CA ILE A 223 9.64 -4.27 -6.86
C ILE A 223 9.34 -3.22 -5.81
N GLN A 224 10.26 -3.06 -4.86
CA GLN A 224 10.10 -2.11 -3.77
C GLN A 224 10.09 -0.69 -4.29
N ALA A 225 9.55 0.22 -3.48
CA ALA A 225 9.50 1.63 -3.84
C ALA A 225 10.71 2.39 -3.33
N ILE A 226 11.00 2.28 -2.05
CA ILE A 226 12.15 2.94 -1.42
C ILE A 226 12.88 1.90 -0.58
N ASP A 227 14.20 1.84 -0.72
CA ASP A 227 15.03 1.00 0.14
C ASP A 227 16.25 1.79 0.60
N ILE A 228 16.35 2.03 1.90
CA ILE A 228 17.53 2.68 2.47
C ILE A 228 18.02 1.83 3.63
N THR A 229 17.85 0.52 3.53
CA THR A 229 18.00 -0.43 4.64
C THR A 229 19.25 -0.24 5.48
N LYS A 230 20.43 -0.42 4.87
CA LYS A 230 21.67 -0.10 5.56
C LYS A 230 22.22 1.20 5.00
N GLU A 231 21.30 2.10 4.64
CA GLU A 231 21.53 3.35 3.90
C GLU A 231 22.57 3.15 2.81
N SER A 232 22.46 2.04 2.11
CA SER A 232 23.40 1.66 1.06
C SER A 232 22.84 2.12 -0.28
N TYR A 233 23.65 2.84 -1.04
CA TYR A 233 23.22 3.36 -2.33
C TYR A 233 22.97 2.23 -3.32
N SER A 234 23.63 1.08 -3.15
CA SER A 234 23.34 -0.07 -3.99
C SER A 234 21.95 -0.62 -3.74
N GLY A 235 21.53 -0.73 -2.48
CA GLY A 235 20.17 -1.18 -2.20
C GLY A 235 19.14 -0.14 -2.59
N PHE A 236 19.51 1.13 -2.52
CA PHE A 236 18.61 2.21 -2.92
C PHE A 236 18.39 2.22 -4.43
N GLN A 237 19.45 1.96 -5.18
CA GLN A 237 19.34 2.02 -6.63
C GLN A 237 18.55 0.85 -7.22
N LEU A 238 18.02 -0.03 -6.38
CA LEU A 238 17.17 -1.13 -6.81
C LEU A 238 15.76 -1.01 -6.24
N SER A 239 15.20 0.19 -6.29
CA SER A 239 13.81 0.44 -5.89
C SER A 239 13.26 1.55 -6.76
N LYS A 240 11.93 1.67 -6.78
CA LYS A 240 11.26 2.52 -7.77
C LYS A 240 11.68 3.99 -7.61
N VAL A 241 11.73 4.48 -6.38
CA VAL A 241 12.28 5.82 -6.13
C VAL A 241 13.73 5.89 -6.54
N GLY A 242 14.51 4.85 -6.28
CA GLY A 242 15.89 4.84 -6.74
C GLY A 242 16.00 4.82 -8.24
N ILE A 243 15.14 4.06 -8.92
CA ILE A 243 15.14 4.05 -10.38
C ILE A 243 14.74 5.41 -10.92
N LEU A 244 13.81 6.09 -10.25
CA LEU A 244 13.40 7.42 -10.70
C LEU A 244 14.52 8.44 -10.47
N GLU A 245 15.26 8.29 -9.38
CA GLU A 245 16.42 9.14 -9.15
C GLU A 245 17.47 8.92 -10.24
N GLN A 246 17.73 7.66 -10.58
CA GLN A 246 18.62 7.36 -11.70
C GLN A 246 18.07 7.94 -13.00
N PHE A 247 16.76 7.92 -13.17
CA PHE A 247 16.14 8.46 -14.37
C PHE A 247 16.38 9.96 -14.49
N MET A 248 16.14 10.68 -13.40
CA MET A 248 16.36 12.13 -13.40
C MET A 248 17.82 12.45 -13.64
N GLN A 249 18.73 11.73 -12.98
CA GLN A 249 20.15 12.06 -13.15
C GLN A 249 20.65 11.67 -14.54
N ASP A 250 20.11 10.61 -15.13
CA ASP A 250 20.48 10.27 -16.51
C ASP A 250 19.95 11.29 -17.49
N LEU A 251 18.71 11.76 -17.28
CA LEU A 251 18.15 12.79 -18.14
C LEU A 251 18.95 14.07 -18.03
N LYS A 252 19.36 14.42 -16.81
CA LYS A 252 20.18 15.60 -16.57
C LYS A 252 21.53 15.47 -17.26
N GLN A 253 22.21 14.34 -17.07
CA GLN A 253 23.50 14.13 -17.71
C GLN A 253 23.38 14.11 -19.23
N ALA A 254 22.25 13.64 -19.76
CA ALA A 254 22.09 13.57 -21.20
C ALA A 254 21.81 14.93 -21.82
N TYR A 255 21.03 15.79 -21.15
CA TYR A 255 20.58 17.00 -21.84
C TYR A 255 20.78 18.32 -21.12
N GLY A 256 21.46 18.38 -19.98
CA GLY A 256 21.46 19.64 -19.26
C GLY A 256 20.06 19.95 -18.75
N ASP A 257 19.79 21.25 -18.62
CA ASP A 257 18.44 21.71 -18.28
C ASP A 257 17.57 21.95 -19.51
N SER A 258 18.07 21.57 -20.69
CA SER A 258 17.25 21.64 -21.90
C SER A 258 16.02 20.76 -21.78
N VAL A 259 16.18 19.54 -21.29
CA VAL A 259 15.09 18.60 -21.09
C VAL A 259 14.93 18.36 -19.59
N SER A 260 13.81 18.79 -19.03
CA SER A 260 13.61 18.66 -17.59
C SER A 260 12.16 18.30 -17.31
N VAL A 261 11.98 17.53 -16.24
CA VAL A 261 10.67 17.12 -15.76
C VAL A 261 10.54 17.59 -14.33
N LYS A 262 9.44 18.29 -14.03
CA LYS A 262 9.23 18.87 -12.71
C LYS A 262 7.91 18.34 -12.15
N LEU A 263 8.00 17.44 -11.19
CA LEU A 263 6.80 16.98 -10.51
C LEU A 263 6.09 18.12 -9.80
N GLN A 264 4.78 18.19 -9.98
CA GLN A 264 4.00 19.26 -9.40
C GLN A 264 3.68 18.93 -7.95
N ARG A 265 4.21 19.74 -7.05
CA ARG A 265 3.88 19.62 -5.65
C ARG A 265 2.42 19.99 -5.43
N ILE A 266 1.90 19.54 -4.31
CA ILE A 266 0.49 19.75 -3.99
C ILE A 266 0.38 20.90 -3.00
N PRO A 267 -0.46 21.90 -3.27
CA PRO A 267 -0.70 22.94 -2.28
C PRO A 267 -1.24 22.38 -0.97
N GLY A 268 -0.46 22.47 0.09
CA GLY A 268 -0.78 21.79 1.31
C GLY A 268 -1.13 22.72 2.45
N GLU A 269 -2.24 22.40 3.11
CA GLU A 269 -2.72 23.24 4.20
C GLU A 269 -2.81 22.47 5.51
N LYS A 270 -3.53 21.35 5.53
CA LYS A 270 -3.78 20.65 6.77
C LYS A 270 -3.17 19.26 6.68
N HIS A 271 -1.98 19.09 7.24
CA HIS A 271 -1.23 17.86 7.06
C HIS A 271 -1.24 17.15 8.41
N ARG A 272 -2.32 16.43 8.68
CA ARG A 272 -2.52 15.85 10.01
C ARG A 272 -1.75 14.55 10.13
N PHE A 273 -0.55 14.65 10.71
CA PHE A 273 0.24 13.46 10.97
C PHE A 273 -0.45 12.58 12.00
N VAL A 274 -0.10 11.30 11.96
CA VAL A 274 -0.62 10.32 12.91
C VAL A 274 0.57 9.56 13.50
N SER A 275 0.52 9.30 14.78
CA SER A 275 1.60 8.59 15.43
C SER A 275 1.21 7.14 15.67
N ASP A 276 2.22 6.32 15.94
CA ASP A 276 1.97 4.93 16.28
C ASP A 276 1.21 4.81 17.59
N THR A 277 1.35 5.78 18.50
CA THR A 277 0.62 5.73 19.75
C THR A 277 -0.87 5.98 19.53
N ILE A 278 -1.21 6.88 18.61
CA ILE A 278 -2.62 7.14 18.33
C ILE A 278 -3.29 5.91 17.71
N VAL A 279 -2.63 5.27 16.75
CA VAL A 279 -3.18 4.08 16.13
C VAL A 279 -3.24 2.92 17.12
N LYS A 280 -2.23 2.80 17.98
CA LYS A 280 -2.26 1.78 19.00
C LYS A 280 -3.43 1.99 19.95
N ASN A 281 -3.69 3.23 20.33
CA ASN A 281 -4.83 3.52 21.19
C ASN A 281 -6.15 3.24 20.48
N HIS A 282 -6.22 3.59 19.19
CA HIS A 282 -7.43 3.34 18.41
C HIS A 282 -7.75 1.85 18.36
N TYR A 283 -6.72 1.02 18.16
CA TYR A 283 -6.96 -0.42 18.11
C TYR A 283 -7.17 -1.06 19.48
N VAL A 284 -6.57 -0.55 20.54
CA VAL A 284 -6.91 -1.13 21.84
C VAL A 284 -8.36 -0.79 22.18
N GLY A 285 -8.83 0.40 21.78
CA GLY A 285 -10.24 0.72 21.94
C GLY A 285 -11.13 -0.14 21.06
N LEU A 286 -10.69 -0.42 19.83
CA LEU A 286 -11.45 -1.26 18.90
C LEU A 286 -11.63 -2.67 19.45
N PHE A 287 -10.53 -3.30 19.86
CA PHE A 287 -10.64 -4.63 20.40
C PHE A 287 -11.37 -4.62 21.74
N ASP A 288 -11.29 -3.51 22.48
CA ASP A 288 -12.13 -3.37 23.67
C ASP A 288 -13.61 -3.38 23.31
N ALA A 289 -13.97 -2.75 22.18
CA ALA A 289 -15.34 -2.82 21.71
C ALA A 289 -15.74 -4.24 21.36
N LEU A 290 -14.83 -4.99 20.72
CA LEU A 290 -15.14 -6.39 20.40
C LEU A 290 -15.24 -7.27 21.64
N LYS A 291 -14.65 -6.87 22.76
CA LYS A 291 -14.77 -7.69 23.96
C LYS A 291 -16.22 -7.90 24.42
N GLU A 292 -17.14 -7.02 24.03
CA GLU A 292 -18.52 -7.11 24.50
C GLU A 292 -19.31 -8.22 23.81
N HIS A 293 -18.87 -8.67 22.63
CA HIS A 293 -19.65 -9.57 21.80
C HIS A 293 -19.06 -10.97 21.82
N ARG A 294 -19.93 -11.97 21.77
CA ARG A 294 -19.49 -13.35 21.66
C ARG A 294 -18.88 -13.61 20.29
N LEU A 295 -17.82 -14.40 20.25
CA LEU A 295 -17.10 -14.70 19.01
C LEU A 295 -16.88 -16.21 18.94
N VAL A 296 -17.15 -16.81 17.79
CA VAL A 296 -17.11 -18.25 17.62
C VAL A 296 -16.28 -18.59 16.38
N ILE A 297 -15.44 -19.61 16.49
CA ILE A 297 -14.71 -20.15 15.35
C ILE A 297 -15.15 -21.58 15.12
N CYS A 298 -15.39 -21.96 13.88
CA CYS A 298 -15.76 -23.31 13.53
C CYS A 298 -15.01 -23.76 12.29
N ASP A 299 -14.47 -24.96 12.33
CA ASP A 299 -13.80 -25.56 11.18
C ASP A 299 -14.75 -26.56 10.54
N LEU A 300 -14.98 -26.42 9.24
CA LEU A 300 -15.95 -27.23 8.53
C LEU A 300 -15.37 -27.99 7.36
N THR A 301 -14.06 -27.95 7.17
CA THR A 301 -13.45 -28.58 6.01
C THR A 301 -13.47 -30.10 6.12
N GLU A 302 -13.24 -30.75 4.99
CA GLU A 302 -13.19 -32.21 4.92
C GLU A 302 -11.88 -32.69 5.52
N ASN A 303 -11.96 -33.65 6.45
CA ASN A 303 -10.80 -34.28 7.05
C ASN A 303 -9.88 -33.26 7.70
N GLN A 304 -10.34 -32.66 8.80
CA GLN A 304 -9.70 -31.49 9.39
C GLN A 304 -8.33 -31.80 9.98
N ASP A 305 -7.36 -32.14 9.13
CA ASP A 305 -6.05 -32.54 9.61
C ASP A 305 -5.04 -31.41 9.66
N THR A 306 -5.36 -30.24 9.11
CA THR A 306 -4.43 -29.12 9.09
C THR A 306 -4.36 -28.39 10.42
N ASP A 307 -5.37 -28.55 11.28
CA ASP A 307 -5.41 -27.92 12.61
C ASP A 307 -5.26 -26.40 12.53
N ALA A 308 -5.89 -25.79 11.52
CA ALA A 308 -5.81 -24.34 11.36
C ALA A 308 -6.71 -23.62 12.37
N ALA A 309 -7.77 -24.29 12.82
CA ALA A 309 -8.66 -23.68 13.81
C ALA A 309 -7.93 -23.40 15.11
N LEU A 310 -7.07 -24.33 15.55
CA LEU A 310 -6.31 -24.10 16.77
C LEU A 310 -5.35 -22.93 16.60
N THR A 311 -4.70 -22.83 15.43
CA THR A 311 -3.78 -21.74 15.20
C THR A 311 -4.50 -20.40 15.21
N LEU A 312 -5.68 -20.33 14.59
CA LEU A 312 -6.42 -19.08 14.58
C LEU A 312 -6.93 -18.71 15.98
N LEU A 313 -7.37 -19.71 16.75
CA LEU A 313 -7.79 -19.44 18.13
C LEU A 313 -6.63 -18.92 18.97
N HIS A 314 -5.46 -19.53 18.81
CA HIS A 314 -4.27 -19.09 19.54
C HIS A 314 -3.81 -17.71 19.09
N GLY A 315 -4.02 -17.37 17.83
CA GLY A 315 -3.74 -16.03 17.36
C GLY A 315 -4.67 -14.99 17.96
N ILE A 316 -5.95 -15.33 18.08
CA ILE A 316 -6.91 -14.40 18.69
C ILE A 316 -6.62 -14.24 20.19
N GLU A 317 -6.24 -15.33 20.85
CA GLU A 317 -6.08 -15.29 22.31
C GLU A 317 -5.01 -14.30 22.75
N HIS A 318 -4.01 -14.04 21.92
CA HIS A 318 -2.95 -13.12 22.35
C HIS A 318 -3.35 -11.65 22.20
N LEU A 319 -4.50 -11.36 21.59
CA LEU A 319 -5.10 -10.04 21.66
C LEU A 319 -6.10 -9.91 22.78
N ASP A 320 -6.10 -10.86 23.72
CA ASP A 320 -6.94 -10.85 24.91
C ASP A 320 -8.43 -10.91 24.57
N ILE A 321 -8.81 -11.57 23.48
CA ILE A 321 -10.21 -11.70 23.08
C ILE A 321 -10.63 -13.15 23.17
N ASN A 322 -11.74 -13.41 23.85
CA ASN A 322 -12.22 -14.78 24.02
C ASN A 322 -12.87 -15.27 22.73
N ALA A 323 -12.55 -16.50 22.35
CA ALA A 323 -13.22 -17.18 21.24
C ALA A 323 -13.30 -18.66 21.55
N GLU A 324 -14.40 -19.28 21.15
CA GLU A 324 -14.68 -20.67 21.48
C GLU A 324 -14.90 -21.47 20.21
N ILE A 325 -14.21 -22.59 20.09
CA ILE A 325 -14.32 -23.41 18.89
C ILE A 325 -15.49 -24.37 19.04
N ALA A 326 -16.34 -24.41 18.02
CA ALA A 326 -17.46 -25.32 17.97
C ALA A 326 -17.46 -26.05 16.63
N GLU A 327 -18.29 -27.08 16.52
CA GLU A 327 -18.32 -27.89 15.30
C GLU A 327 -18.95 -27.15 14.12
N VAL A 328 -20.08 -26.48 14.33
CA VAL A 328 -20.85 -25.87 13.26
C VAL A 328 -21.10 -24.41 13.61
N PRO A 329 -21.33 -23.53 12.63
CA PRO A 329 -21.57 -22.11 12.94
C PRO A 329 -22.79 -21.91 13.82
N ILE A 330 -22.70 -20.89 14.67
CA ILE A 330 -23.73 -20.62 15.67
C ILE A 330 -24.41 -19.31 15.34
N ARG A 331 -25.74 -19.32 15.32
CA ARG A 331 -26.51 -18.13 15.01
C ARG A 331 -26.38 -17.10 16.12
N GLY A 332 -26.42 -15.82 15.73
CA GLY A 332 -26.37 -14.73 16.69
C GLY A 332 -24.98 -14.21 17.00
N ALA A 333 -24.05 -15.12 17.26
CA ALA A 333 -22.70 -14.72 17.58
C ALA A 333 -21.89 -14.47 16.31
N LEU A 334 -20.81 -13.71 16.47
CA LEU A 334 -19.90 -13.47 15.36
C LEU A 334 -19.16 -14.76 15.04
N ASN A 335 -19.19 -15.18 13.78
CA ASN A 335 -18.67 -16.48 13.38
C ASN A 335 -17.42 -16.33 12.54
N ILE A 336 -16.44 -17.20 12.75
CA ILE A 336 -15.32 -17.35 11.84
C ILE A 336 -15.29 -18.81 11.36
N LEU A 337 -15.33 -18.99 10.05
CA LEU A 337 -15.42 -20.31 9.45
C LEU A 337 -14.15 -20.61 8.68
N ILE A 338 -13.45 -21.67 9.04
CA ILE A 338 -12.39 -22.14 8.16
C ILE A 338 -13.01 -23.11 7.18
N VAL A 339 -13.25 -22.65 5.97
CA VAL A 339 -13.77 -23.47 4.89
C VAL A 339 -12.74 -23.48 3.77
N GLY A 340 -12.83 -24.47 2.90
CA GLY A 340 -11.84 -24.62 1.84
C GLY A 340 -11.96 -23.54 0.79
N ASN A 341 -11.13 -23.67 -0.24
CA ASN A 341 -11.09 -22.69 -1.32
C ASN A 341 -12.41 -22.68 -2.06
N LYS A 342 -12.69 -21.57 -2.75
CA LYS A 342 -13.98 -21.43 -3.42
C LYS A 342 -14.12 -22.43 -4.56
N ASP A 343 -13.08 -22.62 -5.36
CA ASP A 343 -13.14 -23.46 -6.54
C ASP A 343 -12.96 -24.95 -6.22
N THR A 344 -12.70 -25.30 -4.97
CA THR A 344 -12.62 -26.69 -4.58
C THR A 344 -13.95 -27.42 -4.75
N TYR A 345 -15.06 -26.74 -4.46
CA TYR A 345 -16.39 -27.31 -4.59
C TYR A 345 -16.99 -26.94 -5.94
N LYS A 346 -17.90 -27.78 -6.42
CA LYS A 346 -18.60 -27.55 -7.68
C LYS A 346 -20.03 -27.08 -7.49
N SER A 347 -20.71 -27.57 -6.45
CA SER A 347 -22.10 -27.24 -6.19
C SER A 347 -22.22 -26.32 -4.97
N ASP A 348 -23.08 -25.33 -5.08
CA ASP A 348 -23.28 -24.40 -3.98
C ASP A 348 -24.09 -24.99 -2.84
N GLU A 349 -24.63 -26.20 -3.00
CA GLU A 349 -25.31 -26.87 -1.91
C GLU A 349 -24.36 -27.63 -1.01
N GLU A 350 -23.19 -28.01 -1.51
CA GLU A 350 -22.21 -28.78 -0.74
C GLU A 350 -21.05 -27.93 -0.22
N ASP A 351 -20.87 -26.74 -0.78
CA ASP A 351 -19.90 -25.75 -0.33
C ASP A 351 -20.37 -25.26 1.03
N PRO A 352 -19.58 -25.41 2.10
CA PRO A 352 -20.03 -24.94 3.42
C PRO A 352 -20.23 -23.44 3.48
N TYR A 353 -19.32 -22.68 2.88
CA TYR A 353 -19.54 -21.27 2.64
C TYR A 353 -20.81 -21.13 1.82
N GLN A 354 -21.60 -20.12 2.18
CA GLN A 354 -22.85 -19.63 1.61
C GLN A 354 -24.02 -20.58 1.77
N VAL A 355 -23.81 -21.84 2.14
CA VAL A 355 -24.95 -22.57 2.69
C VAL A 355 -25.11 -22.24 4.17
N TYR A 356 -24.00 -22.14 4.89
CA TYR A 356 -24.09 -21.66 6.25
C TYR A 356 -24.32 -20.17 6.34
N ARG A 357 -24.22 -19.46 5.21
CA ARG A 357 -24.44 -18.02 5.24
C ARG A 357 -25.76 -17.59 4.60
N LYS A 358 -26.41 -18.45 3.82
CA LYS A 358 -27.79 -18.21 3.46
C LYS A 358 -28.77 -18.94 4.37
N LYS A 359 -28.31 -19.97 5.09
CA LYS A 359 -29.15 -20.57 6.12
C LYS A 359 -29.43 -19.58 7.24
N TYR A 360 -28.40 -18.85 7.67
CA TYR A 360 -28.53 -17.80 8.67
C TYR A 360 -28.28 -16.45 8.00
N GLN A 361 -29.30 -15.59 8.00
CA GLN A 361 -29.20 -14.28 7.36
C GLN A 361 -28.84 -13.17 8.33
N ASP A 362 -29.51 -13.08 9.46
CA ASP A 362 -29.22 -12.04 10.45
C ASP A 362 -28.09 -12.42 11.41
N THR A 363 -26.95 -12.84 10.88
CA THR A 363 -25.80 -13.24 11.68
C THR A 363 -24.53 -12.77 10.99
N VAL A 364 -23.63 -12.18 11.78
CA VAL A 364 -22.38 -11.66 11.28
C VAL A 364 -21.48 -12.82 10.89
N PHE A 365 -20.85 -12.74 9.72
CA PHE A 365 -20.06 -13.85 9.21
C PHE A 365 -18.71 -13.37 8.70
N GLN A 366 -17.66 -14.08 9.09
CA GLN A 366 -16.33 -13.91 8.52
C GLN A 366 -15.76 -15.30 8.28
N SER A 367 -15.10 -15.51 7.14
CA SER A 367 -14.61 -16.84 6.80
C SER A 367 -13.19 -16.75 6.29
N CYS A 368 -12.47 -17.87 6.43
CA CYS A 368 -11.05 -17.91 6.10
C CYS A 368 -10.72 -19.27 5.51
N TYR A 369 -9.65 -19.32 4.71
CA TYR A 369 -8.92 -20.47 4.21
C TYR A 369 -7.93 -20.96 5.25
N PRO A 370 -7.51 -22.21 5.24
CA PRO A 370 -6.50 -22.64 6.21
C PRO A 370 -5.15 -21.99 5.97
N GLU A 371 -4.71 -22.03 4.70
CA GLU A 371 -3.36 -21.65 4.33
C GLU A 371 -3.03 -20.21 4.70
N ARG A 372 -4.05 -19.36 4.82
CA ARG A 372 -3.82 -17.95 5.12
C ARG A 372 -3.33 -17.74 6.54
N LEU A 373 -3.48 -18.72 7.42
CA LEU A 373 -3.17 -18.53 8.83
C LEU A 373 -1.73 -18.86 9.19
N TRP A 374 -0.87 -19.12 8.20
CA TRP A 374 0.54 -19.38 8.46
C TRP A 374 1.40 -18.58 7.49
N ASN A 375 2.56 -18.14 7.96
CA ASN A 375 3.50 -17.44 7.12
C ASN A 375 4.47 -18.41 6.46
N ARG A 376 5.46 -17.85 5.78
CA ARG A 376 6.48 -18.67 5.12
C ARG A 376 7.34 -19.40 6.14
N GLN A 377 7.61 -18.78 7.28
CA GLN A 377 8.50 -19.35 8.28
C GLN A 377 7.79 -20.31 9.23
N GLY A 378 6.47 -20.47 9.12
CA GLY A 378 5.77 -21.45 9.89
C GLY A 378 5.20 -20.97 11.21
N GLN A 379 5.57 -19.80 11.66
CA GLN A 379 4.92 -19.27 12.85
C GLN A 379 3.55 -18.71 12.47
N PRO A 380 2.65 -18.57 13.43
CA PRO A 380 1.33 -17.98 13.12
C PRO A 380 1.46 -16.57 12.56
N ASN A 381 0.59 -16.24 11.62
CA ASN A 381 0.48 -14.88 11.09
C ASN A 381 -0.52 -14.13 11.94
N ARG A 382 -0.02 -13.19 12.74
CA ARG A 382 -0.84 -12.49 13.72
C ARG A 382 -1.54 -11.27 13.15
N HIS A 383 -1.28 -10.91 11.89
CA HIS A 383 -2.03 -9.83 11.26
C HIS A 383 -3.41 -10.31 10.80
N VAL A 384 -3.49 -11.56 10.37
CA VAL A 384 -4.75 -12.11 9.88
C VAL A 384 -5.81 -12.07 10.96
N VAL A 385 -5.41 -12.40 12.18
CA VAL A 385 -6.28 -12.36 13.34
C VAL A 385 -6.86 -10.96 13.51
N GLU A 386 -6.00 -9.95 13.46
CA GLU A 386 -6.48 -8.58 13.67
C GLU A 386 -7.41 -8.13 12.57
N VAL A 387 -7.10 -8.47 11.32
CA VAL A 387 -7.96 -8.05 10.22
C VAL A 387 -9.31 -8.73 10.31
N LEU A 388 -9.33 -10.02 10.66
CA LEU A 388 -10.60 -10.72 10.89
C LEU A 388 -11.41 -10.03 11.98
N LEU A 389 -10.75 -9.66 13.08
CA LEU A 389 -11.48 -9.09 14.19
C LEU A 389 -12.05 -7.72 13.84
N LYS A 390 -11.25 -6.85 13.21
CA LYS A 390 -11.77 -5.52 12.92
C LYS A 390 -12.81 -5.57 11.83
N GLU A 391 -12.69 -6.52 10.91
CA GLU A 391 -13.69 -6.67 9.87
C GLU A 391 -15.02 -7.16 10.44
N LEU A 392 -14.97 -8.07 11.42
CA LEU A 392 -16.19 -8.43 12.12
C LEU A 392 -16.79 -7.25 12.84
N LEU A 393 -15.96 -6.39 13.42
CA LEU A 393 -16.49 -5.19 14.08
C LEU A 393 -17.21 -4.28 13.09
N ILE A 394 -16.59 -4.07 11.93
CA ILE A 394 -17.22 -3.21 10.92
C ILE A 394 -18.55 -3.80 10.47
N LYS A 395 -18.58 -5.11 10.23
CA LYS A 395 -19.84 -5.76 9.84
C LYS A 395 -20.90 -5.63 10.92
N LEU A 396 -20.50 -5.71 12.19
CA LEU A 396 -21.48 -5.56 13.26
C LEU A 396 -22.02 -4.13 13.35
N GLU A 397 -21.13 -3.15 13.15
CA GLU A 397 -21.57 -1.76 13.12
C GLU A 397 -22.57 -1.54 12.00
N VAL A 398 -22.35 -2.19 10.86
CA VAL A 398 -23.30 -2.15 9.76
C VAL A 398 -24.62 -2.79 10.16
N HIS A 399 -24.53 -3.95 10.82
CA HIS A 399 -25.70 -4.80 11.00
C HIS A 399 -26.65 -4.23 12.03
N THR A 400 -26.14 -3.60 13.09
CA THR A 400 -27.02 -2.98 14.09
C THR A 400 -27.31 -1.52 13.79
N ARG A 401 -26.74 -0.98 12.70
CA ARG A 401 -27.00 0.38 12.21
C ARG A 401 -26.68 1.43 13.25
N LYS A 402 -25.55 1.28 13.93
CA LYS A 402 -25.07 2.23 14.93
C LYS A 402 -23.56 2.31 14.82
N HIS A 403 -22.94 2.88 15.83
CA HIS A 403 -21.48 2.88 15.96
C HIS A 403 -21.09 2.29 17.30
N LEU A 404 -20.21 1.28 17.27
CA LEU A 404 -19.71 0.69 18.50
C LEU A 404 -18.46 1.38 19.02
N ILE A 405 -17.80 2.17 18.19
CA ILE A 405 -16.68 3.02 18.61
C ILE A 405 -16.94 4.41 18.05
N GLU A 406 -16.31 5.40 18.65
CA GLU A 406 -16.63 6.78 18.31
C GLU A 406 -16.05 7.14 16.95
N TYR A 407 -16.87 7.20 15.97
CA TYR A 407 -16.49 7.80 14.70
C TYR A 407 -16.64 9.31 14.80
N PRO A 408 -15.98 10.06 13.93
CA PRO A 408 -16.20 11.51 13.88
C PRO A 408 -17.61 11.85 13.43
N SER A 409 -17.89 13.15 13.38
CA SER A 409 -19.20 13.63 12.98
C SER A 409 -19.27 13.81 11.47
N GLY A 410 -20.33 13.31 10.86
CA GLY A 410 -20.55 13.51 9.44
C GLY A 410 -21.15 14.86 9.14
N PRO A 411 -21.03 15.31 7.89
CA PRO A 411 -21.67 16.57 7.48
C PRO A 411 -23.18 16.48 7.65
N GLU A 412 -23.79 17.61 7.96
CA GLU A 412 -25.23 17.61 8.18
C GLU A 412 -25.98 17.53 6.86
N ARG A 413 -27.13 16.86 6.90
CA ARG A 413 -28.07 16.70 5.80
C ARG A 413 -27.49 15.96 4.60
N CYS A 414 -26.37 15.27 4.76
CA CYS A 414 -25.75 14.56 3.65
C CYS A 414 -26.34 13.17 3.49
N VAL A 415 -26.22 12.63 2.28
CA VAL A 415 -26.64 11.27 1.96
C VAL A 415 -25.52 10.63 1.14
N TYR A 416 -25.23 9.36 1.38
CA TYR A 416 -24.17 8.64 0.67
C TYR A 416 -24.80 7.57 -0.22
N TYR A 417 -24.60 7.69 -1.53
CA TYR A 417 -25.12 6.72 -2.48
C TYR A 417 -23.99 5.82 -2.97
N MET A 418 -24.32 4.55 -3.22
CA MET A 418 -23.34 3.59 -3.71
C MET A 418 -24.01 2.47 -4.49
N PRO A 419 -23.63 2.24 -5.73
CA PRO A 419 -24.25 1.16 -6.50
C PRO A 419 -23.73 -0.19 -6.05
N GLN A 420 -24.34 -1.25 -6.57
CA GLN A 420 -23.78 -2.60 -6.48
C GLN A 420 -23.98 -3.36 -7.78
N ARG A 421 -22.98 -4.10 -8.18
CA ARG A 421 -22.87 -4.87 -9.40
C ARG A 421 -23.65 -6.16 -9.28
N PRO A 422 -24.56 -6.44 -10.22
CA PRO A 422 -25.33 -7.68 -10.14
C PRO A 422 -24.48 -8.90 -10.46
N LYS A 423 -25.07 -10.06 -10.21
CA LYS A 423 -24.45 -11.35 -10.52
C LYS A 423 -24.91 -11.89 -11.87
N ASP A 424 -25.12 -11.00 -12.84
CA ASP A 424 -25.72 -11.26 -14.14
C ASP A 424 -24.68 -11.03 -15.23
N GLU A 425 -25.11 -10.96 -16.47
CA GLU A 425 -24.20 -10.99 -17.61
C GLU A 425 -24.35 -9.69 -18.39
N SER A 426 -23.80 -9.68 -19.61
CA SER A 426 -23.08 -8.56 -20.24
C SER A 426 -23.80 -7.22 -20.02
N SER A 427 -24.96 -6.99 -20.65
CA SER A 427 -25.57 -5.64 -20.67
C SER A 427 -24.51 -4.59 -20.99
N GLU A 428 -23.98 -4.61 -22.21
CA GLU A 428 -22.54 -4.69 -22.48
C GLU A 428 -21.61 -3.97 -21.50
N VAL A 429 -21.60 -2.64 -21.42
CA VAL A 429 -20.83 -2.05 -20.33
C VAL A 429 -21.79 -1.62 -19.23
N ARG A 430 -22.33 -2.61 -18.50
CA ARG A 430 -23.27 -2.46 -17.38
C ARG A 430 -24.21 -1.25 -17.55
N ASP A 431 -24.77 -1.14 -18.74
CA ASP A 431 -25.62 -0.01 -19.04
C ASP A 431 -26.98 -0.12 -18.37
N GLU A 432 -27.41 -1.32 -18.02
CA GLU A 432 -28.66 -1.49 -17.30
C GLU A 432 -28.53 -0.87 -15.92
N PRO A 433 -29.54 -0.15 -15.44
CA PRO A 433 -29.45 0.44 -14.10
C PRO A 433 -29.26 -0.59 -13.01
N TRP A 434 -28.14 -0.49 -12.32
CA TRP A 434 -27.83 -1.31 -11.16
C TRP A 434 -28.74 -0.97 -10.00
N PRO A 435 -28.89 -1.85 -9.02
CA PRO A 435 -29.37 -1.41 -7.72
C PRO A 435 -28.40 -0.39 -7.16
N VAL A 436 -28.93 0.60 -6.45
CA VAL A 436 -28.13 1.62 -5.80
C VAL A 436 -28.63 1.77 -4.38
N TYR A 437 -27.72 1.72 -3.42
CA TYR A 437 -28.09 1.74 -2.01
C TYR A 437 -27.66 3.05 -1.38
N ALA A 438 -28.53 3.60 -0.56
CA ALA A 438 -28.36 4.91 0.04
C ALA A 438 -28.21 4.78 1.55
N SER A 439 -27.44 5.72 2.12
CA SER A 439 -27.18 5.79 3.55
C SER A 439 -27.32 7.23 4.05
N LYS A 440 -28.01 7.36 5.18
CA LYS A 440 -28.26 8.68 5.77
C LYS A 440 -28.00 8.60 7.26
N LEU A 441 -27.51 9.67 7.86
CA LEU A 441 -27.40 9.71 9.31
C LEU A 441 -28.65 10.32 9.92
N VAL A 442 -29.41 9.52 10.68
CA VAL A 442 -30.63 10.01 11.30
C VAL A 442 -30.53 9.82 12.82
N GLY A 443 -30.36 10.93 13.54
CA GLY A 443 -30.34 10.91 14.98
C GLY A 443 -29.26 10.02 15.58
N ASP A 444 -29.69 8.93 16.19
CA ASP A 444 -28.76 7.99 16.83
C ASP A 444 -28.39 6.82 15.94
N GLU A 445 -28.84 6.78 14.69
CA GLU A 445 -28.67 5.60 13.85
C GLU A 445 -28.35 5.99 12.41
N TRP A 446 -28.05 4.96 11.62
CA TRP A 446 -27.88 5.10 10.19
C TRP A 446 -29.05 4.43 9.47
N GLN A 447 -29.42 4.99 8.33
CA GLN A 447 -30.42 4.38 7.47
C GLN A 447 -29.74 3.89 6.20
N TYR A 448 -29.92 2.61 5.91
CA TYR A 448 -29.50 2.00 4.66
C TYR A 448 -30.75 1.52 3.93
N THR A 449 -30.98 2.03 2.73
CA THR A 449 -32.13 1.62 1.94
C THR A 449 -31.69 1.44 0.50
N GLN A 450 -32.62 1.00 -0.33
CA GLN A 450 -32.34 0.95 -1.76
C GLN A 450 -32.91 2.19 -2.43
N ALA A 451 -32.11 2.79 -3.31
CA ALA A 451 -32.52 4.03 -3.96
C ALA A 451 -33.55 3.74 -5.04
N THR A 452 -34.76 4.28 -4.87
CA THR A 452 -35.83 4.09 -5.83
C THR A 452 -35.49 4.75 -7.16
N GLN A 453 -36.34 4.48 -8.16
CA GLN A 453 -36.09 5.04 -9.49
C GLN A 453 -36.31 6.54 -9.53
N GLU A 454 -37.27 7.05 -8.76
CA GLU A 454 -37.51 8.50 -8.74
C GLU A 454 -36.33 9.26 -8.14
N GLU A 455 -35.80 8.75 -7.02
CA GLU A 455 -34.66 9.39 -6.38
C GLU A 455 -33.47 9.44 -7.32
N LEU A 456 -33.19 8.33 -8.00
CA LEU A 456 -32.05 8.29 -8.89
C LEU A 456 -32.30 9.09 -10.15
N GLU A 457 -33.55 9.21 -10.58
CA GLU A 457 -33.86 10.10 -11.71
C GLU A 457 -33.56 11.55 -11.36
N ASP A 458 -33.92 11.97 -10.15
CA ASP A 458 -33.53 13.30 -9.69
C ASP A 458 -32.02 13.42 -9.60
N ILE A 459 -31.37 12.40 -9.05
CA ILE A 459 -29.95 12.47 -8.73
C ILE A 459 -29.11 12.58 -9.99
N GLU A 460 -29.41 11.76 -11.00
CA GLU A 460 -28.62 11.77 -12.22
C GLU A 460 -28.70 13.12 -12.95
N LEU A 461 -29.69 13.94 -12.63
CA LEU A 461 -29.74 15.30 -13.16
C LEU A 461 -29.09 16.31 -12.22
N ASP A 462 -29.29 16.14 -10.90
CA ASP A 462 -28.69 17.05 -9.93
C ASP A 462 -27.18 16.88 -9.87
N LEU A 463 -26.70 15.63 -9.88
CA LEU A 463 -25.27 15.39 -10.06
C LEU A 463 -24.84 15.83 -11.45
N GLY A 464 -25.70 15.62 -12.44
CA GLY A 464 -25.52 16.18 -13.77
C GLY A 464 -24.29 15.70 -14.50
N ASN A 465 -23.35 16.62 -14.73
CA ASN A 465 -22.17 16.33 -15.53
C ASN A 465 -21.39 15.17 -14.92
N ASP A 466 -21.30 15.13 -13.60
CA ASP A 466 -20.60 14.06 -12.90
C ASP A 466 -21.52 12.92 -12.52
N LYS A 467 -22.55 12.67 -13.33
CA LYS A 467 -23.37 11.49 -13.12
C LYS A 467 -22.58 10.22 -13.41
N ARG A 468 -21.72 10.24 -14.42
CA ARG A 468 -21.11 9.01 -14.94
C ARG A 468 -20.07 8.40 -14.02
N HIS A 469 -19.85 8.88 -12.80
CA HIS A 469 -19.06 8.12 -11.84
C HIS A 469 -19.95 7.18 -11.04
N VAL A 470 -21.26 7.40 -11.08
CA VAL A 470 -22.16 6.57 -10.32
C VAL A 470 -22.87 5.58 -11.25
N PHE A 471 -22.89 5.85 -12.55
CA PHE A 471 -23.60 5.05 -13.51
C PHE A 471 -22.69 4.73 -14.70
N HIS A 472 -23.19 3.88 -15.60
CA HIS A 472 -22.49 3.47 -16.80
C HIS A 472 -21.13 2.84 -16.51
N GLY A 473 -21.12 1.66 -15.93
CA GLY A 473 -19.94 0.82 -15.96
C GLY A 473 -19.77 -0.09 -14.77
N PHE A 474 -18.63 -0.76 -14.74
CA PHE A 474 -18.08 -1.41 -13.57
C PHE A 474 -17.40 -0.34 -12.72
N GLU A 475 -17.06 -0.70 -11.48
CA GLU A 475 -16.51 0.20 -10.46
C GLU A 475 -17.26 1.54 -10.44
N ARG A 476 -18.52 1.46 -10.04
CA ARG A 476 -19.34 2.65 -9.86
C ARG A 476 -19.13 3.25 -8.48
N SER A 477 -18.74 4.49 -8.45
CA SER A 477 -18.21 5.14 -7.27
C SER A 477 -19.35 5.65 -6.39
N PRO A 478 -19.24 5.44 -5.08
CA PRO A 478 -20.15 6.11 -4.15
C PRO A 478 -19.94 7.61 -4.13
N VAL A 479 -21.04 8.34 -3.92
CA VAL A 479 -21.09 9.79 -4.00
C VAL A 479 -22.01 10.34 -2.92
N ILE A 480 -21.56 11.40 -2.23
CA ILE A 480 -22.42 12.10 -1.29
C ILE A 480 -23.28 13.05 -2.09
N TYR A 481 -24.52 13.23 -1.66
CA TYR A 481 -25.48 14.15 -2.24
C TYR A 481 -26.14 14.90 -1.08
N TRP A 482 -26.66 16.09 -1.37
CA TRP A 482 -27.37 16.85 -0.36
C TRP A 482 -28.76 17.18 -0.89
N PRO A 483 -29.83 16.75 -0.22
CA PRO A 483 -31.18 17.04 -0.71
C PRO A 483 -31.50 18.53 -0.77
N GLU A 484 -30.88 19.33 0.08
CA GLU A 484 -31.39 20.68 0.29
C GLU A 484 -31.02 21.62 -0.84
N THR A 485 -29.90 21.39 -1.51
CA THR A 485 -29.47 22.32 -2.54
C THR A 485 -28.98 21.64 -3.80
N GLY A 486 -28.93 20.30 -3.81
CA GLY A 486 -28.43 19.62 -4.97
C GLY A 486 -26.93 19.65 -5.13
N ASP A 487 -26.20 20.04 -4.09
CA ASP A 487 -24.76 19.93 -4.10
C ASP A 487 -24.31 18.60 -3.52
N TYR A 488 -23.15 18.14 -3.99
CA TYR A 488 -22.75 16.75 -3.77
C TYR A 488 -21.24 16.73 -3.56
N ALA A 489 -20.69 15.52 -3.49
CA ALA A 489 -19.25 15.35 -3.33
C ALA A 489 -18.83 13.97 -3.79
N ILE A 490 -17.88 13.90 -4.72
CA ILE A 490 -17.40 12.62 -5.25
C ILE A 490 -15.96 12.44 -4.83
N PHE A 491 -15.61 11.23 -4.40
CA PHE A 491 -14.27 10.88 -3.96
C PHE A 491 -13.69 9.84 -4.90
N ILE A 492 -12.69 10.22 -5.67
CA ILE A 492 -12.19 9.39 -6.75
C ILE A 492 -10.68 9.28 -6.66
N ASP A 493 -10.17 8.06 -6.79
CA ASP A 493 -8.74 7.83 -6.89
C ASP A 493 -8.24 8.42 -8.21
N THR A 494 -7.24 9.30 -8.12
CA THR A 494 -6.80 10.07 -9.26
C THR A 494 -5.72 9.40 -10.09
N GLY A 495 -5.13 8.31 -9.61
CA GLY A 495 -3.98 7.75 -10.27
C GLY A 495 -2.68 8.44 -9.96
N ILE A 496 -2.70 9.50 -9.14
CA ILE A 496 -1.50 10.22 -8.78
C ILE A 496 -0.81 9.50 -7.64
N GLN A 497 0.47 9.24 -7.81
CA GLN A 497 1.33 8.69 -6.76
C GLN A 497 2.11 9.84 -6.15
N MET A 498 2.27 9.82 -4.84
CA MET A 498 2.97 10.90 -4.17
C MET A 498 4.21 10.35 -3.48
N LEU A 499 5.34 10.98 -3.76
CA LEU A 499 6.65 10.43 -3.54
C LEU A 499 7.38 11.18 -2.43
N PRO A 500 8.13 10.49 -1.58
CA PRO A 500 9.07 11.19 -0.72
C PRO A 500 10.15 11.85 -1.55
N GLU A 501 10.74 12.90 -1.00
CA GLU A 501 11.62 13.79 -1.75
C GLU A 501 12.93 13.06 -2.04
N PHE A 502 12.93 12.37 -3.19
CA PHE A 502 14.01 11.45 -3.53
C PHE A 502 15.35 12.14 -3.73
N GLU A 503 15.38 13.34 -4.32
CA GLU A 503 16.66 13.94 -4.68
C GLU A 503 17.49 14.24 -3.43
N ALA A 504 16.84 14.69 -2.35
CA ALA A 504 17.56 14.99 -1.12
C ALA A 504 18.03 13.72 -0.43
N VAL A 505 17.22 12.67 -0.42
CA VAL A 505 17.63 11.42 0.21
C VAL A 505 18.81 10.81 -0.53
N ALA A 506 18.78 10.84 -1.86
CA ALA A 506 19.93 10.32 -2.60
C ALA A 506 21.15 11.22 -2.44
N GLU A 507 20.93 12.53 -2.35
CA GLU A 507 22.05 13.45 -2.10
C GLU A 507 22.72 13.14 -0.78
N ARG A 508 21.94 12.71 0.21
CA ARG A 508 22.52 12.30 1.48
C ARG A 508 23.24 10.96 1.36
N LEU A 509 22.64 10.02 0.64
CA LEU A 509 23.16 8.66 0.61
C LEU A 509 24.47 8.56 -0.17
N ARG A 510 24.60 9.34 -1.24
CA ARG A 510 25.85 9.31 -2.00
C ARG A 510 27.01 9.82 -1.15
N GLU A 511 26.77 10.85 -0.34
CA GLU A 511 27.81 11.34 0.55
C GLU A 511 28.10 10.36 1.68
N LEU A 512 27.10 9.61 2.15
CA LEU A 512 27.38 8.55 3.11
C LEU A 512 28.29 7.48 2.52
N LYS A 513 28.01 7.06 1.29
CA LYS A 513 28.87 6.05 0.66
C LYS A 513 30.28 6.58 0.46
N GLU A 514 30.41 7.82 0.01
CA GLU A 514 31.73 8.43 -0.14
C GLU A 514 32.46 8.49 1.18
N GLY A 515 31.76 8.82 2.26
CA GLY A 515 32.40 8.87 3.56
C GLY A 515 32.87 7.51 4.04
N ARG A 516 32.03 6.48 3.85
CA ARG A 516 32.41 5.14 4.30
C ARG A 516 33.47 4.51 3.41
N SER A 517 33.73 5.07 2.22
CA SER A 517 34.77 4.55 1.36
C SER A 517 36.16 4.65 1.97
N GLN A 518 36.42 5.65 2.80
CA GLN A 518 37.73 5.80 3.42
C GLN A 518 37.80 4.99 4.72
N ASP A 519 39.02 4.73 5.16
CA ASP A 519 39.27 4.02 6.41
C ASP A 519 39.83 5.01 7.43
N VAL A 520 39.26 5.00 8.63
CA VAL A 520 39.62 6.00 9.63
C VAL A 520 41.01 5.69 10.18
N PRO A 521 41.92 6.67 10.25
CA PRO A 521 43.24 6.41 10.81
C PRO A 521 43.16 6.12 12.30
N ILE A 522 44.15 5.37 12.80
CA ILE A 522 44.27 5.14 14.23
C ILE A 522 44.59 6.45 14.95
N ALA A 523 45.28 7.36 14.28
CA ALA A 523 45.65 8.62 14.89
C ALA A 523 44.41 9.45 15.26
N LEU A 524 43.42 9.51 14.37
CA LEU A 524 42.20 10.24 14.66
C LEU A 524 41.46 9.63 15.84
N LEU A 525 41.40 8.30 15.90
CA LEU A 525 40.71 7.65 17.00
C LEU A 525 41.43 7.90 18.32
N ALA A 526 42.76 7.86 18.31
CA ALA A 526 43.54 8.17 19.50
C ALA A 526 43.33 9.62 19.94
N GLN A 527 43.31 10.54 18.96
CA GLN A 527 43.08 11.94 19.28
C GLN A 527 41.69 12.14 19.87
N PHE A 528 40.69 11.45 19.31
CA PHE A 528 39.33 11.59 19.83
C PHE A 528 39.21 11.02 21.23
N ILE A 529 39.93 9.93 21.50
CA ILE A 529 39.93 9.37 22.84
C ILE A 529 40.58 10.34 23.82
N GLU A 530 41.68 11.00 23.40
CA GLU A 530 42.38 11.88 24.31
C GLU A 530 41.59 13.17 24.56
N GLU A 531 40.96 13.72 23.53
CA GLU A 531 40.34 15.04 23.64
C GLU A 531 38.95 15.01 24.26
N ASN A 532 38.31 13.85 24.34
CA ASN A 532 36.98 13.77 24.92
C ASN A 532 36.90 12.62 25.92
N PRO A 533 37.58 12.73 27.06
CA PRO A 533 37.75 11.55 27.92
C PRO A 533 36.47 11.04 28.57
N GLU A 534 35.40 11.83 28.61
CA GLU A 534 34.20 11.43 29.33
C GLU A 534 33.09 10.89 28.44
N SER A 535 33.32 10.74 27.14
CA SER A 535 32.30 10.22 26.25
C SER A 535 32.18 8.71 26.41
N LYS A 536 30.99 8.17 26.12
CA LYS A 536 30.75 6.75 26.29
C LYS A 536 31.21 5.94 25.08
N VAL A 537 31.70 6.60 24.03
CA VAL A 537 32.08 5.87 22.82
C VAL A 537 33.50 5.34 22.93
N ILE A 538 34.25 5.76 23.96
CA ILE A 538 35.68 5.48 24.03
C ILE A 538 35.95 3.99 24.21
N ASN A 539 35.12 3.31 25.02
CA ASN A 539 35.39 1.91 25.34
C ASN A 539 35.35 1.04 24.09
N LYS A 540 34.36 1.27 23.23
CA LYS A 540 34.29 0.52 21.98
C LYS A 540 35.48 0.82 21.08
N LEU A 541 35.90 2.08 21.03
CA LEU A 541 37.08 2.45 20.23
C LEU A 541 38.32 1.75 20.73
N ARG A 542 38.54 1.73 22.04
CA ARG A 542 39.70 1.08 22.60
C ARG A 542 39.67 -0.42 22.35
N ALA A 543 38.49 -1.04 22.50
CA ALA A 543 38.37 -2.47 22.23
C ALA A 543 38.66 -2.78 20.77
N ILE A 544 38.14 -1.97 19.86
CA ILE A 544 38.29 -2.28 18.43
C ILE A 544 39.69 -1.91 17.95
N LEU A 545 40.36 -1.00 18.66
CA LEU A 545 41.77 -0.75 18.35
C LEU A 545 42.65 -1.88 18.85
N SER A 546 42.35 -2.39 20.04
CA SER A 546 43.10 -3.53 20.57
C SER A 546 42.92 -4.76 19.70
N GLU A 547 41.71 -4.99 19.19
CA GLU A 547 41.50 -6.11 18.27
C GLU A 547 42.20 -5.87 16.95
N TRP A 548 42.38 -4.61 16.55
CA TRP A 548 43.01 -4.28 15.29
C TRP A 548 44.52 -4.24 15.47
N ASP A 549 45.24 -3.75 14.46
CA ASP A 549 46.68 -3.64 14.48
C ASP A 549 47.10 -2.23 14.08
N ASP A 550 48.18 -1.74 14.71
CA ASP A 550 48.50 -0.33 14.66
C ASP A 550 49.02 0.14 13.30
N VAL A 551 49.28 -0.77 12.36
CA VAL A 551 49.80 -0.32 11.08
C VAL A 551 48.67 0.13 10.16
N ALA A 552 47.61 -0.68 10.03
CA ALA A 552 46.60 -0.43 9.02
C ALA A 552 45.38 0.25 9.62
N PRO A 553 44.74 1.15 8.89
CA PRO A 553 43.55 1.81 9.41
C PRO A 553 42.36 0.88 9.51
N LEU A 554 41.30 1.36 10.19
CA LEU A 554 40.03 0.68 10.44
C LEU A 554 39.06 0.94 9.30
N PRO A 555 38.53 -0.08 8.64
CA PRO A 555 37.40 0.15 7.74
C PRO A 555 36.10 0.28 8.51
N PHE A 556 35.05 0.64 7.76
CA PHE A 556 33.79 1.04 8.38
C PHE A 556 33.10 -0.12 9.10
N ASP A 557 33.38 -1.35 8.68
CA ASP A 557 32.63 -2.49 9.20
C ASP A 557 32.82 -2.67 10.70
N GLU A 558 34.02 -2.41 11.21
CA GLU A 558 34.25 -2.53 12.65
C GLU A 558 33.62 -1.41 13.45
N PHE A 559 33.11 -0.37 12.79
CA PHE A 559 32.27 0.62 13.44
C PHE A 559 30.83 0.15 13.59
N SER A 560 30.49 -1.01 13.05
CA SER A 560 29.11 -1.50 13.07
C SER A 560 28.61 -1.79 14.47
N THR A 561 29.50 -1.85 15.47
CA THR A 561 29.08 -1.92 16.85
C THR A 561 28.77 -0.54 17.42
N ILE A 562 28.93 0.52 16.64
CA ILE A 562 28.69 1.88 17.08
C ILE A 562 27.59 2.48 16.20
N ALA A 563 26.55 3.01 16.84
CA ALA A 563 25.35 3.44 16.13
C ALA A 563 25.17 4.94 16.28
N TYR A 564 24.35 5.51 15.40
CA TYR A 564 24.03 6.93 15.42
C TYR A 564 22.76 7.21 16.22
N LYS A 565 22.77 6.76 17.48
CA LYS A 565 21.61 6.89 18.35
C LYS A 565 21.86 7.89 19.47
N SER A 566 22.90 7.68 20.28
CA SER A 566 23.12 8.51 21.44
C SER A 566 23.66 9.88 21.06
N SER A 567 23.60 10.82 22.01
CA SER A 567 24.09 12.16 21.77
C SER A 567 25.61 12.21 21.71
N ASP A 568 26.29 11.44 22.55
CA ASP A 568 27.75 11.36 22.41
C ASP A 568 28.14 10.63 21.13
N GLU A 569 27.36 9.64 20.72
CA GLU A 569 27.62 9.00 19.44
C GLU A 569 27.37 9.96 18.28
N LYS A 570 26.34 10.80 18.40
CA LYS A 570 26.12 11.83 17.38
C LYS A 570 27.29 12.80 17.35
N GLN A 571 27.82 13.17 18.52
CA GLN A 571 28.98 14.05 18.57
C GLN A 571 30.20 13.39 17.95
N PHE A 572 30.39 12.09 18.21
CA PHE A 572 31.51 11.35 17.66
C PHE A 572 31.44 11.30 16.13
N TYR A 573 30.26 11.03 15.59
CA TYR A 573 30.14 10.97 14.15
C TYR A 573 30.21 12.34 13.50
N ASP A 574 29.71 13.39 14.16
CA ASP A 574 29.91 14.73 13.63
C ASP A 574 31.38 15.12 13.66
N TRP A 575 32.10 14.76 14.72
CA TRP A 575 33.52 15.07 14.80
C TRP A 575 34.30 14.31 13.74
N LEU A 576 33.90 13.07 13.46
CA LEU A 576 34.50 12.36 12.33
C LEU A 576 34.14 13.05 11.02
N ARG A 577 32.95 13.65 10.96
CA ARG A 577 32.53 14.33 9.73
C ARG A 577 33.37 15.57 9.46
N GLU A 578 33.70 16.33 10.52
CA GLU A 578 34.53 17.52 10.30
C GLU A 578 35.94 17.18 9.84
N GLN A 579 36.40 15.96 10.09
CA GLN A 579 37.70 15.51 9.59
C GLN A 579 37.63 14.98 8.17
N GLY A 580 36.45 14.96 7.56
CA GLY A 580 36.27 14.41 6.24
C GLY A 580 35.74 12.99 6.22
N PHE A 581 35.49 12.39 7.37
CA PHE A 581 35.04 11.00 7.45
C PHE A 581 33.56 10.97 7.80
N PHE A 582 32.74 11.07 6.76
CA PHE A 582 31.29 11.17 6.89
C PHE A 582 30.65 9.80 7.03
N LEU A 583 30.74 9.20 8.22
CA LEU A 583 30.34 7.80 8.35
C LEU A 583 28.83 7.65 8.40
N LYS A 584 28.15 8.37 9.29
CA LYS A 584 26.72 8.17 9.51
C LYS A 584 26.03 9.53 9.59
N THR A 585 24.73 9.53 9.30
CA THR A 585 23.95 10.76 9.28
C THR A 585 22.49 10.45 9.51
N SER A 586 21.67 11.49 9.50
CA SER A 586 20.24 11.40 9.73
C SER A 586 19.49 11.65 8.43
N ILE A 587 18.56 10.74 8.09
CA ILE A 587 17.83 10.79 6.83
C ILE A 587 16.32 10.84 7.04
N ARG A 588 15.79 9.96 7.89
CA ARG A 588 14.35 9.91 8.13
C ARG A 588 13.93 10.82 9.28
N GLY A 589 14.25 12.10 9.23
CA GLY A 589 13.94 12.99 10.34
C GLY A 589 12.65 13.75 10.10
N GLN A 590 11.79 13.78 11.11
CA GLN A 590 10.54 14.52 11.01
C GLN A 590 10.75 16.01 10.90
N SER A 591 11.71 16.55 11.65
CA SER A 591 12.01 17.98 11.59
C SER A 591 12.50 18.38 10.21
N GLU A 592 13.19 17.46 9.52
CA GLU A 592 13.78 17.80 8.24
C GLU A 592 12.89 17.34 7.08
N GLY A 593 12.17 16.23 7.28
CA GLY A 593 10.99 15.92 6.49
C GLY A 593 11.18 15.58 5.03
N PHE A 594 12.08 14.64 4.72
CA PHE A 594 12.21 14.19 3.33
C PHE A 594 11.19 13.13 2.98
N PHE A 595 10.86 12.26 3.92
CA PHE A 595 9.96 11.13 3.66
C PHE A 595 8.52 11.46 4.01
N ASN A 596 8.13 12.72 3.87
CA ASN A 596 6.71 13.05 3.85
C ASN A 596 6.15 12.75 2.47
N ALA A 597 4.86 13.00 2.31
CA ALA A 597 4.08 12.52 1.16
C ALA A 597 4.12 11.00 1.07
N SER A 598 4.45 10.35 2.18
CA SER A 598 4.32 8.92 2.33
C SER A 598 3.85 8.63 3.74
N LEU A 599 3.59 9.69 4.50
CA LEU A 599 3.30 9.59 5.91
C LEU A 599 2.03 10.35 6.24
N GLY A 600 1.20 9.75 7.09
CA GLY A 600 0.10 10.46 7.68
C GLY A 600 -0.99 10.94 6.74
N PHE A 601 -2.07 11.39 7.36
CA PHE A 601 -3.22 11.95 6.67
C PHE A 601 -2.90 13.35 6.15
N PHE A 602 -3.34 13.64 4.94
CA PHE A 602 -3.23 14.96 4.36
C PHE A 602 -4.62 15.49 4.06
N TYR A 603 -4.76 16.81 3.95
CA TYR A 603 -6.09 17.36 3.66
C TYR A 603 -5.95 18.78 3.14
N ASN A 604 -6.70 19.09 2.09
CA ASN A 604 -6.79 20.45 1.54
C ASN A 604 -8.26 20.76 1.27
N ARG A 605 -8.96 21.29 2.30
CA ARG A 605 -10.41 21.42 2.22
C ARG A 605 -10.84 22.43 1.18
N GLU A 606 -9.91 23.27 0.72
CA GLU A 606 -10.25 24.15 -0.40
C GLU A 606 -10.44 23.35 -1.67
N GLN A 607 -9.69 22.26 -1.82
CA GLN A 607 -9.82 21.42 -3.00
C GLN A 607 -10.14 19.97 -2.68
N GLY A 608 -10.43 19.66 -1.41
CA GLY A 608 -10.86 18.32 -1.00
C GLY A 608 -9.78 17.26 -1.03
N MET A 609 -8.68 17.59 -1.72
CA MET A 609 -7.65 16.60 -2.04
C MET A 609 -6.99 16.09 -0.77
N TYR A 610 -6.61 14.83 -0.79
CA TYR A 610 -6.00 14.24 0.37
C TYR A 610 -5.21 13.02 -0.03
N PHE A 611 -4.60 12.38 0.96
CA PHE A 611 -3.99 11.06 0.84
C PHE A 611 -3.77 10.54 2.25
N ALA A 612 -3.25 9.31 2.30
CA ALA A 612 -2.91 8.67 3.55
C ALA A 612 -1.51 8.08 3.38
N GLY A 613 -1.11 7.23 4.30
CA GLY A 613 0.20 6.61 4.17
C GLY A 613 0.59 5.93 5.46
N GLY A 614 1.89 5.85 5.68
CA GLY A 614 2.41 5.22 6.87
C GLY A 614 2.11 6.02 8.11
N LYS A 615 2.34 5.39 9.25
CA LYS A 615 2.13 6.00 10.54
C LYS A 615 3.46 6.10 11.26
N GLY A 616 3.59 7.14 12.07
CA GLY A 616 4.82 7.32 12.83
C GLY A 616 5.99 7.64 11.91
N SER A 617 7.08 6.93 12.11
CA SER A 617 8.35 7.09 11.43
C SER A 617 8.35 6.33 10.10
N PRO A 618 9.07 6.82 9.11
CA PRO A 618 9.20 6.07 7.86
C PRO A 618 9.98 4.80 8.10
N GLN A 619 9.73 3.82 7.24
CA GLN A 619 10.47 2.58 7.31
C GLN A 619 11.56 2.58 6.26
N SER A 620 12.65 1.88 6.56
CA SER A 620 13.77 1.82 5.63
C SER A 620 13.39 1.11 4.36
N LYS A 621 12.42 0.20 4.45
CA LYS A 621 11.96 -0.59 3.32
C LYS A 621 10.46 -0.37 3.18
N ILE A 622 10.09 0.68 2.45
CA ILE A 622 8.70 0.94 2.09
C ILE A 622 8.54 0.73 0.61
N GLU A 623 7.42 0.10 0.23
CA GLU A 623 7.29 -0.49 -1.08
C GLU A 623 5.99 -0.18 -1.81
N THR A 624 5.18 0.73 -1.28
CA THR A 624 3.98 1.20 -1.96
C THR A 624 3.92 2.72 -1.92
N PHE A 625 3.47 3.34 -3.00
CA PHE A 625 3.24 4.77 -3.04
C PHE A 625 1.79 5.09 -2.72
N SER A 626 1.57 6.13 -1.91
CA SER A 626 0.22 6.57 -1.64
C SER A 626 -0.40 7.20 -2.89
N HIS A 627 -1.72 7.30 -2.88
CA HIS A 627 -2.47 7.88 -3.99
C HIS A 627 -3.25 9.11 -3.50
N LEU A 628 -3.20 10.17 -4.30
CA LEU A 628 -3.98 11.37 -4.06
C LEU A 628 -5.42 11.18 -4.50
N TYR A 629 -6.36 11.61 -3.66
CA TYR A 629 -7.78 11.46 -3.93
C TYR A 629 -8.42 12.81 -4.18
N LEU A 630 -9.32 12.87 -5.16
CA LEU A 630 -9.95 14.11 -5.56
C LEU A 630 -11.42 14.09 -5.17
N ILE A 631 -11.90 15.20 -4.65
CA ILE A 631 -13.31 15.35 -4.29
C ILE A 631 -13.90 16.34 -5.28
N LYS A 632 -14.49 15.82 -6.36
CA LYS A 632 -15.20 16.66 -7.31
C LYS A 632 -16.49 17.15 -6.68
N HIS A 633 -16.88 18.38 -6.99
CA HIS A 633 -18.06 18.94 -6.37
C HIS A 633 -18.60 20.07 -7.23
N SER A 634 -19.84 20.44 -6.95
CA SER A 634 -20.42 21.66 -7.49
C SER A 634 -20.50 22.77 -6.45
N PHE A 635 -19.87 22.57 -5.29
CA PHE A 635 -19.87 23.57 -4.23
C PHE A 635 -19.09 24.82 -4.62
N ASP A 636 -19.45 25.93 -4.00
CA ASP A 636 -18.55 27.06 -3.91
C ASP A 636 -17.62 26.91 -2.71
N ALA A 637 -18.15 26.42 -1.59
CA ALA A 637 -17.38 26.19 -0.38
C ALA A 637 -17.73 24.83 0.20
N LEU A 638 -16.80 23.89 0.11
CA LEU A 638 -17.06 22.51 0.51
C LEU A 638 -17.30 22.42 2.01
N PRO A 639 -18.15 21.52 2.47
CA PRO A 639 -18.44 21.42 3.90
C PRO A 639 -17.20 21.07 4.70
N GLU A 640 -17.09 21.67 5.88
CA GLU A 640 -15.91 21.48 6.72
C GLU A 640 -15.85 20.06 7.26
N GLU A 641 -17.00 19.47 7.55
CA GLU A 641 -17.03 18.13 8.13
C GLU A 641 -16.61 17.03 7.18
N VAL A 642 -16.26 17.37 5.93
CA VAL A 642 -15.67 16.41 5.00
C VAL A 642 -14.25 16.11 5.45
N GLU A 643 -13.69 16.94 6.33
CA GLU A 643 -12.48 16.53 7.03
C GLU A 643 -12.73 15.27 7.83
N ASN A 644 -13.89 15.19 8.46
CA ASN A 644 -14.08 14.27 9.57
C ASN A 644 -14.42 12.87 9.08
N LEU A 645 -14.88 12.74 7.84
CA LEU A 645 -15.42 11.49 7.33
C LEU A 645 -14.39 10.37 7.28
N PHE A 646 -13.13 10.72 7.27
CA PHE A 646 -12.08 9.72 7.16
C PHE A 646 -10.83 10.08 7.96
N ASP A 647 -11.01 10.71 9.12
CA ASP A 647 -10.02 10.71 10.17
C ASP A 647 -10.25 9.50 11.08
N VAL A 648 -10.32 8.32 10.48
CA VAL A 648 -10.59 7.07 11.19
C VAL A 648 -9.47 6.11 10.78
N TYR A 649 -8.95 5.35 11.75
CA TYR A 649 -7.72 4.58 11.54
C TYR A 649 -7.94 3.09 11.58
N HIS A 650 -9.05 2.56 11.09
CA HIS A 650 -9.18 1.11 11.03
C HIS A 650 -9.94 0.55 9.83
N LEU A 651 -10.17 1.34 8.79
CA LEU A 651 -10.60 0.71 7.54
C LEU A 651 -9.41 0.04 6.89
N ARG A 652 -8.44 0.83 6.46
CA ARG A 652 -7.12 0.28 6.18
C ARG A 652 -6.53 -0.15 7.50
N HIS A 653 -5.93 -1.33 7.52
CA HIS A 653 -5.53 -1.91 8.79
C HIS A 653 -4.35 -1.13 9.37
N ARG A 654 -4.55 -0.57 10.57
CA ARG A 654 -3.50 0.14 11.30
C ARG A 654 -2.95 1.31 10.52
N LEU A 655 -3.77 1.98 9.73
CA LEU A 655 -3.24 3.02 8.85
C LEU A 655 -4.32 4.06 8.63
N PRO A 656 -3.95 5.27 8.20
CA PRO A 656 -4.94 6.23 7.71
C PRO A 656 -5.58 5.77 6.41
N THR A 657 -6.80 6.24 6.18
CA THR A 657 -7.70 5.72 5.16
C THR A 657 -7.92 6.76 4.05
N VAL A 658 -8.18 6.28 2.84
CA VAL A 658 -8.47 7.15 1.71
C VAL A 658 -9.94 7.15 1.32
N THR A 659 -10.79 6.37 2.00
CA THR A 659 -12.20 6.40 1.66
C THR A 659 -13.02 6.77 2.89
N PRO A 660 -14.09 7.55 2.71
CA PRO A 660 -14.88 8.01 3.86
C PRO A 660 -15.46 6.86 4.67
N TYR A 661 -15.55 7.07 5.98
CA TYR A 661 -16.01 6.01 6.86
C TYR A 661 -17.41 5.48 6.56
N PRO A 662 -18.41 6.28 6.13
CA PRO A 662 -19.71 5.65 5.83
C PRO A 662 -19.70 4.79 4.58
N PHE A 663 -18.73 4.97 3.69
CA PHE A 663 -18.73 4.21 2.45
C PHE A 663 -18.44 2.74 2.72
N LYS A 664 -17.49 2.43 3.60
CA LYS A 664 -17.21 1.04 3.90
C LYS A 664 -18.37 0.40 4.64
N HIS A 665 -19.05 1.15 5.48
CA HIS A 665 -20.22 0.62 6.17
C HIS A 665 -21.34 0.32 5.18
N LEU A 666 -21.54 1.22 4.22
CA LEU A 666 -22.55 0.94 3.21
C LEU A 666 -22.15 -0.27 2.36
N ARG A 667 -20.85 -0.44 2.09
CA ARG A 667 -20.41 -1.56 1.26
C ARG A 667 -20.57 -2.89 1.99
N GLU A 668 -20.24 -2.94 3.27
CA GLU A 668 -20.50 -4.15 4.03
C GLU A 668 -21.99 -4.36 4.30
N TYR A 669 -22.81 -3.32 4.16
CA TYR A 669 -24.25 -3.57 4.10
C TYR A 669 -24.63 -4.23 2.80
N VAL A 670 -24.09 -3.72 1.70
CA VAL A 670 -24.51 -4.22 0.41
C VAL A 670 -24.10 -5.68 0.25
N GLU A 671 -22.88 -6.01 0.67
CA GLU A 671 -22.38 -7.38 0.55
C GLU A 671 -23.17 -8.36 1.41
N MET A 672 -23.89 -7.88 2.41
CA MET A 672 -24.73 -8.70 3.28
C MET A 672 -26.05 -9.06 2.65
N GLN A 673 -26.34 -8.54 1.44
CA GLN A 673 -27.65 -8.74 0.82
C GLN A 673 -27.66 -9.88 -0.19
N ARG A 674 -26.51 -10.52 -0.44
CA ARG A 674 -26.47 -11.61 -1.41
C ARG A 674 -27.31 -12.80 -0.98
N PHE A 675 -27.55 -12.96 0.31
CA PHE A 675 -28.24 -14.12 0.84
C PHE A 675 -29.60 -13.75 1.43
N ARG A 676 -30.17 -12.64 1.01
CA ARG A 676 -31.52 -12.25 1.36
C ARG A 676 -32.42 -12.05 0.14
N SER A 677 -31.88 -11.51 -0.95
CA SER A 677 -32.67 -11.21 -2.14
C SER A 677 -32.01 -11.75 -3.41
#